data_5W2Q
#
_entry.id   5W2Q
#
_cell.length_a   77.289
_cell.length_b   77.289
_cell.length_c   145.126
_cell.angle_alpha   90.000
_cell.angle_beta   90.000
_cell.angle_gamma   120.000
#
_symmetry.space_group_name_H-M   'P 31 2 1'
#
loop_
_entity.id
_entity.type
_entity.pdbx_description
1 polymer '3-oxoacyl-[acyl-carrier-protein] synthase 1'
2 non-polymer ~{N}-(1-methylindazol-6-yl)butane-1-sulfonamide
3 non-polymer GLYCEROL
4 non-polymer 'SODIUM ION'
5 non-polymer 'ISOPROPYL ALCOHOL'
6 non-polymer "3,3',3''-phosphanetriyltripropanoic acid"
7 water water
#
_entity_poly.entity_id   1
_entity_poly.type   'polypeptide(L)'
_entity_poly.pdbx_seq_one_letter_code
;MGSSHHHHHHSSGLVPRGSHMASVSQPSTANGGFPSVVVTAVTATTSISPDIESTWKGLLAGESGIHALEDEFVTKWDLA
VKIGGHLKDPVDSHMGRLDMRRMSYVQRMGKLLGGQLWESAGSPEVDPDRFAVVVGTGLGGAERIVESYDLMNAGGPRKV
SPLAVQMIMPNGAAAVIGLQLGARAGVMTPVSACSSGSEAIAHAWRQIVMGDADVAVCGGVEGPIEALPIAAFSMMRAMS
TRNDEPERASRPFDKDRDGFVFGEAGALMLIETEEHAKARGAKPLARLLGAGITSDAFHMVAPAADGVRAGRAMTRSLEL
AGLSPADIDHVNAHGTATPIGDAAEANAIRVAGCDQAAVYAPKSALGHSIGAVGALESVLTVLTLRDGVIPPTLNYETPD
PEIDLDVVAGEPRYGDYRYAVNNSFGFGGHNVALAFGRY
;
_entity_poly.pdbx_strand_id   A
#
loop_
_chem_comp.id
_chem_comp.type
_chem_comp.name
_chem_comp.formula
6U5 non-polymer ~{N}-(1-methylindazol-6-yl)butane-1-sulfonamide 'C12 H17 N3 O2 S'
GOL non-polymer GLYCEROL 'C3 H8 O3'
IPA non-polymer 'ISOPROPYL ALCOHOL' 'C3 H8 O'
NA non-polymer 'SODIUM ION' 'Na 1'
TCE non-polymer '3,3',3''-phosphanetriyltripropanoic acid' 'C9 H15 O6 P'
#
# COMPACT_ATOMS: atom_id res chain seq x y z
N GLN A 26 14.28 -5.95 26.99
CA GLN A 26 13.60 -6.14 25.70
C GLN A 26 13.37 -4.81 24.99
N PRO A 27 14.09 -4.57 23.90
CA PRO A 27 14.05 -3.25 23.27
C PRO A 27 12.68 -2.90 22.71
N SER A 28 12.31 -1.63 22.85
CA SER A 28 11.13 -1.10 22.19
C SER A 28 11.42 0.36 21.82
N THR A 29 10.60 0.90 20.91
CA THR A 29 10.73 2.31 20.59
C THR A 29 10.48 3.16 21.83
N ALA A 30 9.46 2.82 22.61
CA ALA A 30 9.10 3.61 23.79
C ALA A 30 10.23 3.64 24.82
N ASN A 31 10.93 2.53 25.03
CA ASN A 31 11.96 2.50 26.06
C ASN A 31 13.36 2.81 25.53
N GLY A 32 13.46 3.28 24.29
CA GLY A 32 14.73 3.66 23.72
C GLY A 32 15.59 2.54 23.19
N GLY A 33 15.12 1.29 23.26
CA GLY A 33 15.90 0.18 22.73
C GLY A 33 16.06 0.22 21.23
N PHE A 34 15.11 0.83 20.53
CA PHE A 34 15.20 1.12 19.11
C PHE A 34 15.36 2.62 18.92
N PRO A 35 16.13 3.06 17.92
CA PRO A 35 16.14 4.50 17.61
C PRO A 35 14.76 4.97 17.18
N SER A 36 14.49 6.23 17.48
CA SER A 36 13.28 6.88 17.00
C SER A 36 13.37 7.09 15.49
N VAL A 37 12.31 6.69 14.78
CA VAL A 37 12.23 6.74 13.33
C VAL A 37 11.01 7.56 12.95
N VAL A 38 11.20 8.52 12.05
CA VAL A 38 10.13 9.43 11.66
C VAL A 38 9.89 9.32 10.16
N VAL A 39 8.66 9.67 9.76
CA VAL A 39 8.27 9.78 8.36
C VAL A 39 8.41 11.25 7.97
N THR A 40 9.22 11.55 6.94
CA THR A 40 9.52 12.94 6.60
C THR A 40 8.99 13.39 5.23
N ALA A 41 8.52 12.47 4.39
CA ALA A 41 7.98 12.82 3.09
C ALA A 41 7.13 11.66 2.60
N VAL A 42 6.09 11.97 1.81
CA VAL A 42 5.23 10.95 1.23
C VAL A 42 4.88 11.34 -0.19
N THR A 43 4.65 10.35 -1.03
CA THR A 43 4.19 10.59 -2.39
CA THR A 43 4.22 10.58 -2.40
C THR A 43 3.31 9.43 -2.81
N ALA A 44 2.35 9.72 -3.69
CA ALA A 44 1.47 8.65 -4.17
C ALA A 44 0.78 9.09 -5.44
N THR A 45 0.46 8.12 -6.30
CA THR A 45 -0.42 8.34 -7.44
C THR A 45 -1.60 7.40 -7.27
N THR A 46 -2.83 7.93 -7.44
CA THR A 46 -4.02 7.13 -7.16
C THR A 46 -5.07 7.38 -8.23
N SER A 47 -6.19 6.67 -8.10
CA SER A 47 -7.32 6.90 -8.99
C SER A 47 -8.01 8.23 -8.73
N ILE A 48 -7.74 8.88 -7.59
CA ILE A 48 -8.32 10.20 -7.34
C ILE A 48 -7.42 11.31 -7.87
N SER A 49 -6.10 11.17 -7.74
CA SER A 49 -5.20 12.26 -8.10
C SER A 49 -3.76 11.80 -8.18
N PRO A 50 -2.90 12.45 -8.99
CA PRO A 50 -1.46 12.18 -8.89
C PRO A 50 -0.78 12.85 -7.72
N ASP A 51 -1.46 13.74 -6.99
CA ASP A 51 -0.90 14.50 -5.88
C ASP A 51 -1.50 13.97 -4.58
N ILE A 52 -0.65 13.49 -3.67
CA ILE A 52 -1.17 12.86 -2.44
C ILE A 52 -1.99 13.84 -1.61
N GLU A 53 -1.60 15.12 -1.56
CA GLU A 53 -2.42 16.04 -0.79
C GLU A 53 -3.78 16.27 -1.43
N SER A 54 -3.85 16.21 -2.77
CA SER A 54 -5.14 16.29 -3.45
C SER A 54 -5.95 15.02 -3.25
N THR A 55 -5.29 13.85 -3.29
CA THR A 55 -5.98 12.61 -2.94
C THR A 55 -6.60 12.70 -1.55
N TRP A 56 -5.81 13.17 -0.58
CA TRP A 56 -6.28 13.31 0.79
C TRP A 56 -7.48 14.24 0.86
N LYS A 57 -7.39 15.42 0.24
CA LYS A 57 -8.53 16.33 0.21
C LYS A 57 -9.75 15.69 -0.43
N GLY A 58 -9.55 14.91 -1.49
CA GLY A 58 -10.68 14.27 -2.14
C GLY A 58 -11.31 13.20 -1.27
N LEU A 59 -10.48 12.40 -0.58
CA LEU A 59 -11.01 11.40 0.35
C LEU A 59 -11.87 12.06 1.40
N LEU A 60 -11.38 13.15 1.99
CA LEU A 60 -12.14 13.85 3.01
C LEU A 60 -13.44 14.41 2.47
N ALA A 61 -13.47 14.76 1.17
CA ALA A 61 -14.69 15.25 0.54
C ALA A 61 -15.62 14.12 0.11
N GLY A 62 -15.26 12.87 0.40
CA GLY A 62 -16.12 11.76 0.03
C GLY A 62 -16.01 11.32 -1.41
N GLU A 63 -14.94 11.68 -2.12
CA GLU A 63 -14.80 11.29 -3.51
C GLU A 63 -14.37 9.84 -3.63
N SER A 64 -14.76 9.23 -4.73
CA SER A 64 -14.32 7.89 -5.09
C SER A 64 -13.48 7.94 -6.35
N GLY A 65 -12.46 7.10 -6.42
CA GLY A 65 -11.73 6.93 -7.67
C GLY A 65 -12.29 5.88 -8.60
N ILE A 66 -13.38 5.22 -8.21
CA ILE A 66 -13.87 4.04 -8.92
C ILE A 66 -14.89 4.49 -9.97
N HIS A 67 -14.76 3.97 -11.20
CA HIS A 67 -15.56 4.41 -12.33
CA HIS A 67 -15.66 4.38 -12.25
C HIS A 67 -15.93 3.20 -13.18
N ALA A 68 -16.83 3.41 -14.14
CA ALA A 68 -17.06 2.40 -15.15
C ALA A 68 -15.82 2.31 -16.04
N LEU A 69 -15.35 1.09 -16.28
CA LEU A 69 -14.16 0.90 -17.10
C LEU A 69 -14.50 1.20 -18.56
N GLU A 70 -13.79 2.16 -19.17
CA GLU A 70 -14.03 2.53 -20.55
C GLU A 70 -13.23 1.71 -21.54
N ASP A 71 -12.26 0.92 -21.07
CA ASP A 71 -11.30 0.26 -21.96
C ASP A 71 -11.99 -0.71 -22.91
N GLU A 72 -11.42 -0.84 -24.11
CA GLU A 72 -11.97 -1.76 -25.10
C GLU A 72 -12.01 -3.20 -24.59
N PHE A 73 -11.06 -3.58 -23.73
CA PHE A 73 -10.98 -4.99 -23.32
C PHE A 73 -12.19 -5.44 -22.53
N VAL A 74 -12.95 -4.52 -21.91
CA VAL A 74 -14.13 -4.92 -21.16
C VAL A 74 -15.17 -5.51 -22.11
N THR A 75 -15.50 -4.78 -23.17
CA THR A 75 -16.48 -5.29 -24.12
C THR A 75 -15.92 -6.45 -24.92
N LYS A 76 -14.60 -6.44 -25.20
CA LYS A 76 -14.01 -7.49 -26.01
C LYS A 76 -14.17 -8.86 -25.35
N TRP A 77 -14.03 -8.92 -24.02
CA TRP A 77 -14.14 -10.19 -23.30
C TRP A 77 -15.46 -10.35 -22.56
N ASP A 78 -16.32 -9.32 -22.54
CA ASP A 78 -17.54 -9.32 -21.76
C ASP A 78 -17.25 -9.75 -20.32
N LEU A 79 -16.35 -9.01 -19.68
CA LEU A 79 -15.93 -9.34 -18.33
C LEU A 79 -17.07 -9.15 -17.34
N ALA A 80 -17.14 -10.03 -16.34
CA ALA A 80 -18.16 -9.90 -15.30
C ALA A 80 -17.97 -8.62 -14.51
N VAL A 81 -16.72 -8.18 -14.37
CA VAL A 81 -16.34 -6.95 -13.67
C VAL A 81 -16.11 -5.87 -14.71
N LYS A 82 -16.86 -4.76 -14.61
CA LYS A 82 -16.77 -3.67 -15.57
C LYS A 82 -16.48 -2.34 -14.87
N ILE A 83 -15.88 -2.39 -13.69
CA ILE A 83 -15.62 -1.20 -12.88
C ILE A 83 -14.19 -1.28 -12.34
N GLY A 84 -13.67 -0.13 -11.95
CA GLY A 84 -12.33 -0.05 -11.42
C GLY A 84 -11.85 1.38 -11.41
N GLY A 85 -10.68 1.58 -10.83
CA GLY A 85 -10.14 2.93 -10.80
C GLY A 85 -8.78 3.01 -11.45
N HIS A 86 -8.72 3.44 -12.71
CA HIS A 86 -7.44 3.77 -13.31
C HIS A 86 -6.84 4.99 -12.63
N LEU A 87 -5.50 5.11 -12.69
CA LEU A 87 -4.84 6.30 -12.19
C LEU A 87 -5.48 7.53 -12.82
N LYS A 88 -5.69 8.56 -12.00
CA LYS A 88 -6.18 9.84 -12.50
C LYS A 88 -5.23 10.38 -13.56
N ASP A 89 -3.93 10.23 -13.33
CA ASP A 89 -2.89 10.72 -14.23
C ASP A 89 -2.02 9.52 -14.61
N PRO A 90 -2.15 8.98 -15.82
CA PRO A 90 -1.42 7.76 -16.18
C PRO A 90 0.09 7.95 -16.07
N VAL A 91 0.77 6.94 -15.55
CA VAL A 91 2.22 7.00 -15.42
C VAL A 91 2.87 7.36 -16.75
N ASP A 92 2.43 6.75 -17.84
CA ASP A 92 3.14 6.91 -19.09
C ASP A 92 2.88 8.25 -19.76
N SER A 93 1.91 9.04 -19.29
CA SER A 93 1.87 10.42 -19.75
C SER A 93 3.10 11.21 -19.31
N HIS A 94 3.92 10.65 -18.42
CA HIS A 94 5.18 11.26 -17.99
C HIS A 94 6.40 10.56 -18.56
N MET A 95 6.23 9.59 -19.45
CA MET A 95 7.33 8.76 -19.92
C MET A 95 7.55 9.00 -21.41
N GLY A 96 8.78 9.32 -21.78
CA GLY A 96 9.15 9.51 -23.16
C GLY A 96 9.50 8.18 -23.82
N ARG A 97 9.96 8.27 -25.07
CA ARG A 97 10.27 7.06 -25.81
C ARG A 97 11.34 6.23 -25.12
N LEU A 98 12.35 6.89 -24.54
CA LEU A 98 13.46 6.16 -23.94
C LEU A 98 12.98 5.34 -22.74
N ASP A 99 12.22 5.97 -21.85
CA ASP A 99 11.76 5.23 -20.68
C ASP A 99 10.81 4.11 -21.08
N MET A 100 9.98 4.34 -22.10
CA MET A 100 9.09 3.30 -22.59
C MET A 100 9.86 2.12 -23.16
N ARG A 101 11.12 2.33 -23.58
CA ARG A 101 11.96 1.27 -24.13
C ARG A 101 12.76 0.52 -23.08
N ARG A 102 13.13 1.20 -22.01
CA ARG A 102 14.17 0.73 -21.10
C ARG A 102 13.63 0.12 -19.82
N MET A 103 12.34 0.29 -19.53
CA MET A 103 11.80 -0.03 -18.22
C MET A 103 10.44 -0.72 -18.33
N SER A 104 10.19 -1.66 -17.43
CA SER A 104 8.84 -2.21 -17.28
C SER A 104 7.93 -1.15 -16.65
N TYR A 105 6.63 -1.44 -16.66
CA TYR A 105 5.64 -0.49 -16.14
C TYR A 105 5.94 -0.14 -14.69
N VAL A 106 6.13 -1.16 -13.83
CA VAL A 106 6.32 -0.86 -12.42
C VAL A 106 7.61 -0.10 -12.20
N GLN A 107 8.61 -0.30 -13.08
CA GLN A 107 9.84 0.48 -13.01
C GLN A 107 9.58 1.94 -13.35
N ARG A 108 8.78 2.19 -14.39
CA ARG A 108 8.42 3.56 -14.73
C ARG A 108 7.65 4.21 -13.58
N MET A 109 6.72 3.48 -12.96
CA MET A 109 6.01 4.07 -11.83
C MET A 109 6.97 4.35 -10.69
N GLY A 110 7.89 3.41 -10.42
CA GLY A 110 8.89 3.62 -9.38
C GLY A 110 9.78 4.82 -9.64
N LYS A 111 10.28 4.96 -10.87
CA LYS A 111 11.09 6.13 -11.22
C LYS A 111 10.32 7.43 -11.02
N LEU A 112 9.03 7.44 -11.39
CA LEU A 112 8.24 8.66 -11.29
C LEU A 112 8.05 9.04 -9.83
N LEU A 113 7.66 8.07 -9.00
CA LEU A 113 7.40 8.33 -7.60
C LEU A 113 8.69 8.63 -6.84
N GLY A 114 9.77 7.94 -7.18
CA GLY A 114 11.04 8.20 -6.53
C GLY A 114 11.48 9.65 -6.69
N GLY A 115 11.43 10.16 -7.91
CA GLY A 115 11.83 11.54 -8.14
C GLY A 115 10.90 12.53 -7.48
N GLN A 116 9.60 12.23 -7.46
CA GLN A 116 8.64 13.10 -6.80
C GLN A 116 8.88 13.15 -5.30
N LEU A 117 9.17 12.01 -4.69
CA LEU A 117 9.39 11.94 -3.25
C LEU A 117 10.64 12.72 -2.86
N TRP A 118 11.71 12.56 -3.63
CA TRP A 118 12.96 13.24 -3.29
C TRP A 118 12.80 14.75 -3.39
N GLU A 119 12.13 15.23 -4.44
CA GLU A 119 11.82 16.65 -4.53
C GLU A 119 10.97 17.11 -3.35
N SER A 120 9.96 16.32 -2.99
CA SER A 120 9.10 16.68 -1.86
CA SER A 120 9.11 16.69 -1.86
C SER A 120 9.89 16.73 -0.55
N ALA A 121 10.94 15.93 -0.43
CA ALA A 121 11.78 15.91 0.77
C ALA A 121 12.79 17.05 0.80
N GLY A 122 12.81 17.91 -0.20
CA GLY A 122 13.81 18.95 -0.28
C GLY A 122 15.10 18.53 -0.96
N SER A 123 15.08 17.43 -1.71
CA SER A 123 16.25 16.88 -2.38
C SER A 123 17.47 16.80 -1.47
N PRO A 124 17.36 16.13 -0.33
CA PRO A 124 18.47 16.13 0.63
C PRO A 124 19.69 15.40 0.10
N GLU A 125 20.85 15.87 0.53
CA GLU A 125 22.10 15.16 0.32
C GLU A 125 22.31 14.24 1.52
N VAL A 126 22.17 12.94 1.30
CA VAL A 126 22.35 11.97 2.38
C VAL A 126 23.58 11.14 2.07
N ASP A 127 24.05 10.43 3.08
CA ASP A 127 25.16 9.51 2.88
C ASP A 127 24.65 8.28 2.16
N PRO A 128 25.08 8.03 0.92
CA PRO A 128 24.57 6.84 0.21
C PRO A 128 24.79 5.55 0.96
N ASP A 129 25.87 5.47 1.75
CA ASP A 129 26.18 4.25 2.48
C ASP A 129 25.30 4.04 3.70
N ARG A 130 24.43 5.00 4.03
CA ARG A 130 23.47 4.86 5.13
C ARG A 130 22.03 4.97 4.62
N PHE A 131 21.83 4.78 3.32
CA PHE A 131 20.57 5.07 2.63
C PHE A 131 20.10 3.79 1.95
N ALA A 132 18.93 3.28 2.36
CA ALA A 132 18.35 2.03 1.83
C ALA A 132 17.06 2.31 1.06
N VAL A 133 16.73 1.40 0.14
CA VAL A 133 15.46 1.42 -0.59
C VAL A 133 14.80 0.06 -0.40
N VAL A 134 13.51 0.06 -0.06
CA VAL A 134 12.74 -1.18 0.08
C VAL A 134 11.39 -0.94 -0.58
N VAL A 135 11.14 -1.58 -1.72
CA VAL A 135 9.91 -1.34 -2.48
C VAL A 135 9.30 -2.68 -2.84
N GLY A 136 8.13 -2.94 -2.31
CA GLY A 136 7.42 -4.16 -2.63
C GLY A 136 6.60 -4.03 -3.92
N THR A 137 6.23 -5.18 -4.47
CA THR A 137 5.34 -5.24 -5.62
C THR A 137 4.76 -6.63 -5.65
N GLY A 138 3.58 -6.76 -6.28
CA GLY A 138 2.90 -8.04 -6.26
C GLY A 138 3.42 -9.03 -7.27
N LEU A 139 3.96 -8.53 -8.39
CA LEU A 139 4.29 -9.42 -9.51
C LEU A 139 5.63 -9.06 -10.15
N GLY A 140 5.78 -7.84 -10.66
CA GLY A 140 7.01 -7.43 -11.29
C GLY A 140 6.79 -6.96 -12.73
N GLY A 141 7.83 -7.11 -13.55
CA GLY A 141 7.77 -6.61 -14.92
C GLY A 141 7.15 -7.61 -15.88
N ALA A 142 5.96 -8.13 -15.50
CA ALA A 142 5.43 -9.32 -16.15
C ALA A 142 5.06 -9.08 -17.61
N GLU A 143 4.65 -7.87 -17.98
CA GLU A 143 4.31 -7.63 -19.38
C GLU A 143 5.54 -7.80 -20.28
N ARG A 144 6.74 -7.62 -19.73
CA ARG A 144 7.94 -7.84 -20.52
C ARG A 144 8.26 -9.30 -20.73
N ILE A 145 7.74 -10.20 -19.87
CA ILE A 145 7.88 -11.63 -20.13
C ILE A 145 7.16 -11.98 -21.42
N VAL A 146 5.91 -11.57 -21.55
CA VAL A 146 5.13 -11.88 -22.75
C VAL A 146 5.75 -11.24 -23.99
N GLU A 147 6.18 -9.98 -23.87
CA GLU A 147 6.78 -9.31 -25.02
C GLU A 147 8.04 -10.05 -25.49
N SER A 148 8.92 -10.42 -24.55
CA SER A 148 10.14 -11.13 -24.93
C SER A 148 9.81 -12.46 -25.57
N TYR A 149 8.83 -13.16 -25.00
CA TYR A 149 8.30 -14.37 -25.59
C TYR A 149 7.86 -14.15 -27.03
N ASP A 150 7.07 -13.09 -27.28
CA ASP A 150 6.58 -12.81 -28.62
C ASP A 150 7.71 -12.44 -29.57
N LEU A 151 8.65 -11.61 -29.11
CA LEU A 151 9.75 -11.20 -29.99
C LEU A 151 10.58 -12.41 -30.41
N MET A 152 10.82 -13.34 -29.48
CA MET A 152 11.63 -14.51 -29.82
C MET A 152 10.86 -15.46 -30.74
N ASN A 153 9.55 -15.59 -30.53
CA ASN A 153 8.74 -16.39 -31.43
C ASN A 153 8.77 -15.82 -32.85
N ALA A 154 8.81 -14.50 -32.98
CA ALA A 154 8.76 -13.89 -34.30
C ALA A 154 10.12 -13.75 -34.95
N GLY A 155 11.19 -13.64 -34.18
CA GLY A 155 12.47 -13.31 -34.78
C GLY A 155 13.70 -14.05 -34.29
N GLY A 156 13.52 -15.02 -33.39
CA GLY A 156 14.64 -15.78 -32.88
C GLY A 156 15.23 -15.19 -31.62
N PRO A 157 16.22 -15.89 -31.04
CA PRO A 157 16.75 -15.47 -29.74
C PRO A 157 17.42 -14.10 -29.76
N ARG A 158 17.95 -13.66 -30.90
CA ARG A 158 18.66 -12.38 -30.88
C ARG A 158 17.72 -11.17 -30.98
N LYS A 159 16.41 -11.39 -31.06
CA LYS A 159 15.44 -10.31 -30.99
C LYS A 159 14.92 -10.07 -29.57
N VAL A 160 15.44 -10.80 -28.59
CA VAL A 160 15.22 -10.47 -27.18
C VAL A 160 16.16 -9.34 -26.79
N SER A 161 15.64 -8.35 -26.08
CA SER A 161 16.44 -7.18 -25.75
C SER A 161 17.53 -7.54 -24.74
N PRO A 162 18.72 -6.96 -24.86
CA PRO A 162 19.70 -7.08 -23.77
C PRO A 162 19.21 -6.46 -22.48
N LEU A 163 18.13 -5.68 -22.54
CA LEU A 163 17.51 -5.13 -21.34
C LEU A 163 16.41 -6.03 -20.76
N ALA A 164 16.11 -7.17 -21.39
CA ALA A 164 14.96 -7.97 -20.96
C ALA A 164 15.08 -8.39 -19.50
N VAL A 165 16.26 -8.90 -19.11
CA VAL A 165 16.41 -9.39 -17.73
C VAL A 165 16.13 -8.28 -16.73
N GLN A 166 16.73 -7.10 -16.92
CA GLN A 166 16.59 -6.05 -15.91
C GLN A 166 15.19 -5.44 -15.89
N MET A 167 14.43 -5.56 -16.99
CA MET A 167 13.03 -5.11 -16.99
C MET A 167 12.10 -6.14 -16.35
N ILE A 168 12.38 -7.43 -16.56
CA ILE A 168 11.49 -8.49 -16.08
C ILE A 168 11.65 -8.70 -14.59
N MET A 169 12.88 -8.64 -14.08
CA MET A 169 13.13 -9.10 -12.72
C MET A 169 12.31 -8.30 -11.71
N PRO A 170 11.61 -8.97 -10.78
CA PRO A 170 10.71 -8.25 -9.86
C PRO A 170 11.42 -7.27 -8.95
N ASN A 171 12.71 -7.47 -8.67
CA ASN A 171 13.50 -6.48 -7.96
C ASN A 171 13.78 -5.24 -8.80
N GLY A 172 13.23 -5.16 -10.02
CA GLY A 172 13.63 -4.10 -10.95
C GLY A 172 13.22 -2.70 -10.51
N ALA A 173 12.00 -2.55 -9.97
CA ALA A 173 11.53 -1.23 -9.56
C ALA A 173 12.38 -0.70 -8.41
N ALA A 174 12.65 -1.54 -7.40
CA ALA A 174 13.50 -1.10 -6.30
C ALA A 174 14.89 -0.76 -6.79
N ALA A 175 15.45 -1.56 -7.71
CA ALA A 175 16.77 -1.28 -8.23
C ALA A 175 16.79 0.05 -8.97
N VAL A 176 15.75 0.33 -9.77
CA VAL A 176 15.67 1.60 -10.48
C VAL A 176 15.70 2.77 -9.49
N ILE A 177 14.92 2.67 -8.43
CA ILE A 177 14.84 3.75 -7.46
C ILE A 177 16.17 3.88 -6.72
N GLY A 178 16.75 2.76 -6.29
CA GLY A 178 18.05 2.82 -5.64
C GLY A 178 19.13 3.44 -6.52
N LEU A 179 19.08 3.14 -7.83
CA LEU A 179 20.07 3.71 -8.74
C LEU A 179 19.80 5.20 -8.97
N GLN A 180 18.53 5.56 -9.07
CA GLN A 180 18.13 6.95 -9.28
C GLN A 180 18.58 7.83 -8.12
N LEU A 181 18.37 7.36 -6.88
CA LEU A 181 18.59 8.17 -5.70
C LEU A 181 19.91 7.89 -5.01
N GLY A 182 20.59 6.79 -5.38
CA GLY A 182 21.94 6.55 -4.87
C GLY A 182 21.94 5.88 -3.51
N ALA A 183 21.13 4.83 -3.35
CA ALA A 183 21.00 4.13 -2.07
C ALA A 183 21.95 2.94 -2.06
N ARG A 184 22.93 2.96 -1.14
CA ARG A 184 23.93 1.90 -1.10
C ARG A 184 23.93 1.11 0.21
N ALA A 185 22.91 1.29 1.05
CA ALA A 185 22.75 0.50 2.27
C ALA A 185 21.69 -0.58 2.11
N GLY A 186 21.48 -1.07 0.89
CA GLY A 186 20.55 -2.15 0.64
C GLY A 186 19.38 -1.73 -0.23
N VAL A 187 19.02 -2.57 -1.19
CA VAL A 187 17.87 -2.35 -2.08
C VAL A 187 17.08 -3.65 -2.06
N MET A 188 15.89 -3.64 -1.44
CA MET A 188 15.19 -4.89 -1.15
C MET A 188 13.77 -4.84 -1.71
N THR A 189 13.26 -6.02 -2.06
CA THR A 189 11.95 -6.18 -2.68
C THR A 189 11.23 -7.33 -2.00
N PRO A 190 10.35 -7.07 -1.04
CA PRO A 190 9.53 -8.15 -0.50
C PRO A 190 8.31 -8.36 -1.37
N VAL A 191 7.92 -9.62 -1.56
CA VAL A 191 6.74 -9.95 -2.33
C VAL A 191 5.80 -10.72 -1.41
N SER A 192 4.63 -10.16 -1.14
CA SER A 192 3.64 -10.80 -0.29
C SER A 192 2.24 -10.34 -0.69
N ALA A 193 2.00 -10.27 -2.01
CA ALA A 193 0.71 -9.89 -2.56
C ALA A 193 0.21 -8.59 -1.94
N CYS A 194 -0.99 -8.62 -1.33
CA CYS A 194 -1.59 -7.40 -0.81
C CYS A 194 -0.78 -6.75 0.31
N SER A 195 0.13 -7.48 0.95
CA SER A 195 0.91 -6.87 2.03
CA SER A 195 0.93 -6.92 2.05
C SER A 195 2.29 -6.41 1.60
N SER A 196 2.60 -6.47 0.29
CA SER A 196 3.97 -6.17 -0.14
C SER A 196 4.41 -4.76 0.23
N GLY A 197 3.53 -3.76 0.04
CA GLY A 197 3.94 -2.37 0.25
C GLY A 197 4.08 -2.02 1.71
N SER A 198 3.28 -2.65 2.58
CA SER A 198 3.48 -2.51 4.03
C SER A 198 4.69 -3.30 4.51
N GLU A 199 4.86 -4.52 4.01
CA GLU A 199 6.05 -5.29 4.39
C GLU A 199 7.33 -4.54 4.03
N ALA A 200 7.32 -3.82 2.89
CA ALA A 200 8.51 -3.04 2.52
C ALA A 200 8.82 -2.00 3.58
N ILE A 201 7.79 -1.29 4.07
CA ILE A 201 8.01 -0.30 5.11
C ILE A 201 8.49 -0.98 6.39
N ALA A 202 7.95 -2.17 6.69
CA ALA A 202 8.41 -2.93 7.85
C ALA A 202 9.90 -3.24 7.75
N HIS A 203 10.35 -3.74 6.59
CA HIS A 203 11.75 -4.10 6.46
C HIS A 203 12.65 -2.87 6.43
N ALA A 204 12.17 -1.75 5.88
CA ALA A 204 12.96 -0.52 5.95
C ALA A 204 13.11 -0.08 7.39
N TRP A 205 12.05 -0.19 8.19
CA TRP A 205 12.16 0.14 9.61
C TRP A 205 13.18 -0.75 10.30
N ARG A 206 13.17 -2.06 9.99
CA ARG A 206 14.14 -2.98 10.57
C ARG A 206 15.57 -2.60 10.17
N GLN A 207 15.77 -2.26 8.89
CA GLN A 207 17.09 -1.92 8.42
C GLN A 207 17.65 -0.71 9.19
N ILE A 208 16.78 0.22 9.58
CA ILE A 208 17.23 1.38 10.35
C ILE A 208 17.45 1.01 11.80
N VAL A 209 16.50 0.32 12.44
CA VAL A 209 16.64 0.09 13.88
C VAL A 209 17.74 -0.91 14.18
N MET A 210 18.09 -1.78 13.24
CA MET A 210 19.23 -2.68 13.43
C MET A 210 20.56 -2.01 13.15
N GLY A 211 20.56 -0.77 12.67
CA GLY A 211 21.77 0.00 12.48
C GLY A 211 22.37 -0.04 11.09
N ASP A 212 21.70 -0.65 10.12
CA ASP A 212 22.25 -0.75 8.77
C ASP A 212 22.02 0.49 7.94
N ALA A 213 21.10 1.35 8.34
CA ALA A 213 20.79 2.53 7.56
C ALA A 213 20.27 3.60 8.50
N ASP A 214 20.37 4.86 8.05
CA ASP A 214 19.80 5.99 8.76
C ASP A 214 18.59 6.58 8.06
N VAL A 215 18.39 6.26 6.79
CA VAL A 215 17.33 6.86 5.98
C VAL A 215 16.94 5.82 4.93
N ALA A 216 15.64 5.75 4.61
CA ALA A 216 15.17 4.77 3.66
C ALA A 216 13.96 5.29 2.90
N VAL A 217 13.96 5.07 1.59
CA VAL A 217 12.76 5.23 0.76
C VAL A 217 12.05 3.88 0.70
N CYS A 218 10.75 3.85 0.99
CA CYS A 218 10.07 2.57 1.04
C CYS A 218 8.61 2.71 0.64
N GLY A 219 8.06 1.62 0.11
CA GLY A 219 6.65 1.60 -0.22
C GLY A 219 6.36 0.50 -1.20
N GLY A 220 5.49 0.75 -2.17
CA GLY A 220 5.09 -0.29 -3.09
C GLY A 220 4.59 0.28 -4.39
N VAL A 221 4.79 -0.49 -5.46
CA VAL A 221 4.29 -0.14 -6.79
C VAL A 221 3.53 -1.35 -7.32
N GLU A 222 2.67 -1.11 -8.32
CA GLU A 222 1.84 -2.17 -8.86
C GLU A 222 1.40 -1.80 -10.28
N GLY A 223 1.11 -2.82 -11.07
CA GLY A 223 0.71 -2.61 -12.44
C GLY A 223 -0.73 -2.15 -12.59
N PRO A 224 -1.15 -1.93 -13.83
CA PRO A 224 -2.48 -1.40 -14.10
C PRO A 224 -3.55 -2.47 -14.26
N ILE A 225 -4.81 -2.01 -14.30
CA ILE A 225 -5.94 -2.88 -14.53
C ILE A 225 -5.98 -3.29 -15.99
N GLU A 226 -6.02 -4.61 -16.23
CA GLU A 226 -6.24 -5.13 -17.58
C GLU A 226 -7.13 -6.36 -17.48
N ALA A 227 -7.41 -6.97 -18.63
CA ALA A 227 -8.42 -8.02 -18.69
C ALA A 227 -7.97 -9.28 -17.97
N LEU A 228 -6.71 -9.68 -18.15
CA LEU A 228 -6.27 -10.91 -17.49
C LEU A 228 -6.24 -10.76 -15.97
N PRO A 229 -5.71 -9.68 -15.38
CA PRO A 229 -5.86 -9.51 -13.92
C PRO A 229 -7.31 -9.59 -13.46
N ILE A 230 -8.24 -8.99 -14.20
CA ILE A 230 -9.65 -9.06 -13.80
C ILE A 230 -10.13 -10.51 -13.85
N ALA A 231 -9.84 -11.22 -14.95
CA ALA A 231 -10.27 -12.61 -15.05
C ALA A 231 -9.69 -13.46 -13.92
N ALA A 232 -8.41 -13.27 -13.60
CA ALA A 232 -7.75 -14.11 -12.62
C ALA A 232 -8.35 -13.94 -11.22
N PHE A 233 -8.53 -12.69 -10.78
CA PHE A 233 -9.14 -12.51 -9.47
C PHE A 233 -10.65 -12.74 -9.47
N SER A 234 -11.33 -12.46 -10.60
CA SER A 234 -12.76 -12.72 -10.69
C SER A 234 -13.07 -14.20 -10.54
N MET A 235 -12.17 -15.07 -10.99
CA MET A 235 -12.50 -16.47 -10.94
C MET A 235 -12.38 -17.07 -9.55
N MET A 236 -11.84 -16.31 -8.59
CA MET A 236 -11.93 -16.67 -7.19
C MET A 236 -13.21 -16.15 -6.53
N ARG A 237 -14.04 -15.42 -7.29
CA ARG A 237 -15.19 -14.69 -6.74
C ARG A 237 -14.73 -13.62 -5.75
N ALA A 238 -13.53 -13.09 -5.95
CA ALA A 238 -13.00 -12.13 -5.00
C ALA A 238 -13.43 -10.69 -5.29
N MET A 239 -14.00 -10.41 -6.47
CA MET A 239 -14.25 -9.05 -6.91
C MET A 239 -15.74 -8.71 -6.98
N SER A 240 -16.05 -7.46 -6.68
CA SER A 240 -17.41 -6.96 -6.78
C SER A 240 -17.82 -6.87 -8.26
N THR A 241 -19.09 -7.18 -8.53
CA THR A 241 -19.66 -7.04 -9.87
C THR A 241 -20.81 -6.05 -9.87
N ARG A 242 -20.77 -5.04 -9.01
CA ARG A 242 -21.84 -4.04 -8.96
C ARG A 242 -21.55 -2.95 -9.99
N ASN A 243 -21.76 -3.33 -11.26
CA ASN A 243 -21.33 -2.51 -12.37
C ASN A 243 -22.22 -1.30 -12.61
N ASP A 244 -23.47 -1.35 -12.17
CA ASP A 244 -24.39 -0.24 -12.43
C ASP A 244 -24.12 0.97 -11.56
N GLU A 245 -23.39 0.81 -10.45
CA GLU A 245 -23.11 1.91 -9.52
C GLU A 245 -21.66 1.80 -9.08
N PRO A 246 -20.72 2.14 -9.95
CA PRO A 246 -19.30 1.85 -9.66
C PRO A 246 -18.80 2.44 -8.35
N GLU A 247 -19.17 3.68 -8.04
CA GLU A 247 -18.68 4.29 -6.80
C GLU A 247 -19.28 3.65 -5.55
N ARG A 248 -20.37 2.89 -5.70
CA ARG A 248 -21.00 2.20 -4.60
C ARG A 248 -20.56 0.75 -4.44
N ALA A 249 -19.64 0.26 -5.27
CA ALA A 249 -19.38 -1.17 -5.31
C ALA A 249 -18.48 -1.65 -4.18
N SER A 250 -17.48 -0.87 -3.79
CA SER A 250 -16.53 -1.28 -2.75
C SER A 250 -17.14 -0.94 -1.39
N ARG A 251 -17.57 -1.96 -0.64
CA ARG A 251 -18.37 -1.75 0.57
C ARG A 251 -17.77 -2.46 1.78
N PRO A 252 -16.53 -2.13 2.19
CA PRO A 252 -15.92 -2.84 3.32
C PRO A 252 -16.77 -2.72 4.58
N PHE A 253 -17.00 -3.88 5.22
CA PHE A 253 -17.77 -4.06 6.45
C PHE A 253 -19.26 -3.81 6.28
N ASP A 254 -19.71 -3.50 5.08
CA ASP A 254 -21.13 -3.33 4.82
C ASP A 254 -21.80 -4.70 4.63
N LYS A 255 -23.08 -4.77 5.01
CA LYS A 255 -23.78 -6.05 4.90
C LYS A 255 -23.87 -6.52 3.46
N ASP A 256 -23.89 -5.59 2.49
CA ASP A 256 -24.12 -5.96 1.10
C ASP A 256 -22.84 -5.95 0.26
N ARG A 257 -21.68 -5.98 0.90
CA ARG A 257 -20.43 -6.06 0.15
C ARG A 257 -20.41 -7.34 -0.69
N ASP A 258 -19.68 -7.30 -1.81
CA ASP A 258 -19.58 -8.48 -2.64
C ASP A 258 -18.22 -8.62 -3.31
N GLY A 259 -17.16 -8.18 -2.62
CA GLY A 259 -15.81 -8.36 -3.11
C GLY A 259 -15.10 -7.05 -3.30
N PHE A 260 -13.83 -7.14 -3.70
CA PHE A 260 -13.03 -5.93 -3.81
C PHE A 260 -13.12 -5.33 -5.21
N VAL A 261 -12.67 -4.08 -5.32
CA VAL A 261 -12.60 -3.34 -6.57
C VAL A 261 -11.14 -2.95 -6.80
N PHE A 262 -10.63 -3.20 -8.01
CA PHE A 262 -9.29 -2.72 -8.36
C PHE A 262 -9.26 -1.20 -8.36
N GLY A 263 -8.25 -0.63 -7.71
CA GLY A 263 -7.97 0.80 -7.81
C GLY A 263 -6.48 0.98 -7.90
N GLU A 264 -5.98 1.47 -9.04
CA GLU A 264 -4.54 1.56 -9.28
C GLU A 264 -3.87 2.54 -8.32
N ALA A 265 -2.63 2.23 -7.96
CA ALA A 265 -1.88 3.15 -7.10
C ALA A 265 -0.41 2.77 -7.07
N GLY A 266 0.39 3.73 -6.65
CA GLY A 266 1.73 3.47 -6.15
C GLY A 266 2.02 4.50 -5.08
N ALA A 267 2.86 4.13 -4.11
CA ALA A 267 3.12 5.03 -3.01
C ALA A 267 4.49 4.78 -2.40
N LEU A 268 5.18 5.86 -2.05
CA LEU A 268 6.46 5.78 -1.36
C LEU A 268 6.46 6.77 -0.19
N MET A 269 7.20 6.42 0.86
CA MET A 269 7.48 7.38 1.93
C MET A 269 8.96 7.41 2.22
N LEU A 270 9.41 8.52 2.79
CA LEU A 270 10.77 8.66 3.29
C LEU A 270 10.75 8.53 4.82
N ILE A 271 11.51 7.56 5.33
CA ILE A 271 11.69 7.44 6.77
C ILE A 271 13.17 7.60 7.10
N GLU A 272 13.45 8.07 8.32
CA GLU A 272 14.81 8.30 8.75
C GLU A 272 14.82 8.40 10.26
N THR A 273 16.00 8.23 10.85
CA THR A 273 16.08 8.43 12.30
C THR A 273 15.69 9.86 12.63
N GLU A 274 15.07 10.03 13.79
CA GLU A 274 14.69 11.37 14.23
C GLU A 274 15.91 12.27 14.29
N GLU A 275 17.06 11.72 14.70
CA GLU A 275 18.29 12.49 14.74
C GLU A 275 18.73 12.91 13.34
N HIS A 276 18.62 12.01 12.37
CA HIS A 276 18.96 12.35 11.00
C HIS A 276 18.05 13.45 10.45
N ALA A 277 16.75 13.38 10.75
CA ALA A 277 15.82 14.39 10.27
C ALA A 277 16.10 15.75 10.90
N LYS A 278 16.30 15.76 12.22
CA LYS A 278 16.58 17.02 12.90
C LYS A 278 17.88 17.64 12.41
N ALA A 279 18.88 16.83 12.05
CA ALA A 279 20.15 17.39 11.62
C ALA A 279 20.05 18.06 10.25
N ARG A 280 19.05 17.73 9.45
CA ARG A 280 18.90 18.36 8.13
C ARG A 280 17.68 19.27 8.05
N GLY A 281 17.04 19.57 9.17
CA GLY A 281 15.89 20.46 9.17
C GLY A 281 14.62 19.90 8.55
N ALA A 282 14.48 18.58 8.48
CA ALA A 282 13.25 17.99 7.96
C ALA A 282 12.20 17.91 9.05
N LYS A 283 10.96 18.25 8.70
CA LYS A 283 9.88 18.25 9.68
C LYS A 283 9.11 16.95 9.59
N PRO A 284 9.13 16.11 10.62
CA PRO A 284 8.41 14.83 10.56
C PRO A 284 6.91 15.01 10.40
N LEU A 285 6.31 14.11 9.62
CA LEU A 285 4.86 14.04 9.51
C LEU A 285 4.24 13.09 10.54
N ALA A 286 5.02 12.14 11.04
CA ALA A 286 4.56 11.13 11.98
C ALA A 286 5.77 10.31 12.40
N ARG A 287 5.56 9.42 13.37
CA ARG A 287 6.57 8.47 13.79
C ARG A 287 6.17 7.07 13.34
N LEU A 288 7.16 6.29 12.90
CA LEU A 288 7.01 4.86 12.62
C LEU A 288 7.59 4.11 13.81
N LEU A 289 6.72 3.47 14.60
CA LEU A 289 7.07 2.99 15.92
C LEU A 289 7.39 1.51 15.99
N GLY A 290 6.79 0.70 15.12
CA GLY A 290 6.99 -0.75 15.19
C GLY A 290 6.27 -1.43 14.05
N ALA A 291 6.64 -2.69 13.81
CA ALA A 291 6.09 -3.47 12.70
C ALA A 291 5.98 -4.94 13.09
N GLY A 292 4.83 -5.54 12.79
CA GLY A 292 4.64 -6.96 13.07
C GLY A 292 4.38 -7.74 11.80
N ILE A 293 5.09 -8.85 11.61
CA ILE A 293 4.91 -9.73 10.46
C ILE A 293 4.63 -11.14 10.97
N THR A 294 3.45 -11.66 10.64
CA THR A 294 3.10 -13.05 10.97
C THR A 294 2.53 -13.70 9.72
N SER A 295 2.12 -14.96 9.86
CA SER A 295 1.53 -15.68 8.74
C SER A 295 0.44 -16.61 9.25
N ASP A 296 -0.55 -16.88 8.39
CA ASP A 296 -1.67 -17.72 8.79
C ASP A 296 -1.34 -19.21 8.70
N ALA A 297 -0.57 -19.60 7.69
CA ALA A 297 -0.40 -21.02 7.32
C ALA A 297 -1.75 -21.72 7.34
N PHE A 298 -2.70 -21.15 6.60
CA PHE A 298 -4.10 -21.60 6.66
C PHE A 298 -4.63 -22.01 5.30
N HIS A 299 -4.41 -21.20 4.27
CA HIS A 299 -4.99 -21.43 2.95
C HIS A 299 -4.21 -20.55 1.98
N MET A 300 -4.17 -20.95 0.72
CA MET A 300 -3.34 -20.20 -0.23
C MET A 300 -3.92 -18.83 -0.57
N VAL A 301 -5.24 -18.64 -0.48
CA VAL A 301 -5.81 -17.32 -0.75
C VAL A 301 -6.81 -16.85 0.30
N ALA A 302 -7.46 -17.76 1.08
CA ALA A 302 -8.43 -17.29 2.06
C ALA A 302 -7.73 -16.95 3.37
N PRO A 303 -8.12 -15.86 4.04
CA PRO A 303 -7.57 -15.59 5.38
C PRO A 303 -8.19 -16.52 6.41
N ALA A 304 -7.47 -16.73 7.51
CA ALA A 304 -8.02 -17.56 8.57
C ALA A 304 -9.21 -16.86 9.20
N ALA A 305 -10.32 -17.59 9.35
CA ALA A 305 -11.53 -17.00 9.88
C ALA A 305 -11.33 -16.44 11.29
N ASP A 306 -10.50 -17.10 12.11
CA ASP A 306 -10.42 -16.71 13.51
C ASP A 306 -9.63 -15.43 13.72
N GLY A 307 -8.91 -14.96 12.70
CA GLY A 307 -8.17 -13.72 12.81
C GLY A 307 -7.01 -13.74 13.79
N VAL A 308 -6.59 -14.91 14.26
CA VAL A 308 -5.67 -14.94 15.40
C VAL A 308 -4.27 -14.48 14.99
N ARG A 309 -3.70 -15.07 13.93
CA ARG A 309 -2.34 -14.66 13.55
C ARG A 309 -2.31 -13.25 12.98
N ALA A 310 -3.38 -12.84 12.29
CA ALA A 310 -3.44 -11.44 11.84
C ALA A 310 -3.50 -10.49 13.03
N GLY A 311 -4.29 -10.82 14.05
CA GLY A 311 -4.29 -10.01 15.26
C GLY A 311 -2.94 -10.00 15.94
N ARG A 312 -2.24 -11.14 15.90
CA ARG A 312 -0.90 -11.22 16.48
C ARG A 312 0.09 -10.30 15.75
N ALA A 313 -0.09 -10.08 14.45
CA ALA A 313 0.75 -9.09 13.79
C ALA A 313 0.51 -7.70 14.37
N MET A 314 -0.75 -7.37 14.65
CA MET A 314 -1.04 -6.09 15.31
C MET A 314 -0.37 -6.05 16.68
N THR A 315 -0.54 -7.12 17.45
CA THR A 315 0.06 -7.17 18.78
C THR A 315 1.58 -7.02 18.71
N ARG A 316 2.22 -7.70 17.77
CA ARG A 316 3.67 -7.61 17.67
C ARG A 316 4.13 -6.19 17.36
N SER A 317 3.39 -5.48 16.48
CA SER A 317 3.75 -4.10 16.20
C SER A 317 3.66 -3.24 17.46
N LEU A 318 2.69 -3.54 18.34
CA LEU A 318 2.59 -2.81 19.60
C LEU A 318 3.73 -3.15 20.55
N GLU A 319 4.10 -4.43 20.63
CA GLU A 319 5.23 -4.83 21.47
C GLU A 319 6.49 -4.09 21.08
N LEU A 320 6.77 -4.00 19.78
CA LEU A 320 7.98 -3.33 19.32
C LEU A 320 7.89 -1.82 19.52
N ALA A 321 6.69 -1.26 19.35
CA ALA A 321 6.51 0.17 19.60
C ALA A 321 6.62 0.49 21.08
N GLY A 322 6.24 -0.44 21.94
CA GLY A 322 6.07 -0.15 23.34
C GLY A 322 4.71 0.40 23.69
N LEU A 323 3.67 -0.02 22.98
CA LEU A 323 2.31 0.45 23.19
C LEU A 323 1.44 -0.68 23.73
N SER A 324 0.34 -0.31 24.37
CA SER A 324 -0.70 -1.29 24.69
C SER A 324 -1.90 -1.06 23.78
N PRO A 325 -2.78 -2.05 23.64
CA PRO A 325 -3.93 -1.85 22.74
C PRO A 325 -4.79 -0.65 23.09
N ALA A 326 -4.93 -0.31 24.37
CA ALA A 326 -5.72 0.86 24.76
C ALA A 326 -5.15 2.15 24.19
N ASP A 327 -3.88 2.16 23.80
CA ASP A 327 -3.29 3.35 23.18
C ASP A 327 -3.74 3.54 21.74
N ILE A 328 -4.32 2.53 21.11
CA ILE A 328 -4.55 2.56 19.68
C ILE A 328 -5.90 3.25 19.43
N ASP A 329 -5.83 4.48 18.90
CA ASP A 329 -6.99 5.28 18.61
C ASP A 329 -7.61 5.00 17.24
N HIS A 330 -6.83 4.44 16.33
CA HIS A 330 -7.26 4.34 14.94
C HIS A 330 -6.65 3.10 14.29
N VAL A 331 -7.47 2.38 13.53
CA VAL A 331 -6.99 1.28 12.69
C VAL A 331 -7.35 1.62 11.26
N ASN A 332 -6.34 1.65 10.39
CA ASN A 332 -6.54 1.74 8.95
C ASN A 332 -6.66 0.30 8.48
N ALA A 333 -7.91 -0.15 8.27
CA ALA A 333 -8.17 -1.55 8.04
C ALA A 333 -7.60 -2.00 6.71
N HIS A 334 -7.34 -3.30 6.60
CA HIS A 334 -7.09 -3.87 5.29
C HIS A 334 -8.36 -3.81 4.45
N GLY A 335 -9.50 -4.20 5.03
CA GLY A 335 -10.83 -3.96 4.49
C GLY A 335 -11.00 -3.99 2.98
N THR A 336 -10.84 -5.17 2.39
CA THR A 336 -11.00 -5.31 0.94
C THR A 336 -12.45 -5.37 0.49
N ALA A 337 -13.39 -5.64 1.40
CA ALA A 337 -14.82 -5.80 1.16
C ALA A 337 -15.18 -7.18 0.59
N THR A 338 -14.28 -8.16 0.66
CA THR A 338 -14.75 -9.53 0.45
C THR A 338 -15.56 -9.97 1.68
N PRO A 339 -16.53 -10.86 1.49
CA PRO A 339 -17.23 -11.40 2.66
C PRO A 339 -16.30 -12.00 3.71
N ILE A 340 -15.40 -12.92 3.32
CA ILE A 340 -14.63 -13.60 4.35
C ILE A 340 -13.50 -12.72 4.88
N GLY A 341 -12.97 -11.80 4.06
CA GLY A 341 -11.83 -11.02 4.50
C GLY A 341 -12.19 -10.01 5.57
N ASP A 342 -13.29 -9.30 5.40
CA ASP A 342 -13.70 -8.33 6.40
C ASP A 342 -14.10 -9.01 7.70
N ALA A 343 -14.73 -10.18 7.61
CA ALA A 343 -15.10 -10.91 8.82
C ALA A 343 -13.85 -11.40 9.57
N ALA A 344 -12.85 -11.89 8.84
CA ALA A 344 -11.61 -12.30 9.49
C ALA A 344 -10.91 -11.11 10.15
N GLU A 345 -10.90 -9.96 9.48
CA GLU A 345 -10.20 -8.81 10.04
C GLU A 345 -10.91 -8.30 11.29
N ALA A 346 -12.24 -8.33 11.30
CA ALA A 346 -12.96 -7.93 12.50
C ALA A 346 -12.55 -8.81 13.68
N ASN A 347 -12.37 -10.11 13.45
CA ASN A 347 -11.89 -10.99 14.51
C ASN A 347 -10.46 -10.65 14.91
N ALA A 348 -9.61 -10.31 13.93
CA ALA A 348 -8.22 -9.96 14.22
C ALA A 348 -8.13 -8.72 15.10
N ILE A 349 -8.90 -7.68 14.75
CA ILE A 349 -8.88 -6.45 15.54
C ILE A 349 -9.35 -6.72 16.96
N ARG A 350 -10.39 -7.54 17.11
CA ARG A 350 -10.83 -7.92 18.44
C ARG A 350 -9.76 -8.74 19.16
N VAL A 351 -9.12 -9.69 18.46
CA VAL A 351 -8.07 -10.50 19.06
C VAL A 351 -6.96 -9.61 19.60
N ALA A 352 -6.61 -8.56 18.86
CA ALA A 352 -5.55 -7.64 19.25
C ALA A 352 -5.99 -6.63 20.30
N GLY A 353 -7.26 -6.68 20.72
CA GLY A 353 -7.75 -5.76 21.72
C GLY A 353 -7.91 -4.34 21.22
N CYS A 354 -8.07 -4.15 19.92
CA CYS A 354 -8.14 -2.82 19.32
C CYS A 354 -9.54 -2.47 18.83
N ASP A 355 -10.57 -3.16 19.30
CA ASP A 355 -11.89 -2.95 18.70
C ASP A 355 -12.61 -1.71 19.21
N GLN A 356 -11.99 -0.93 20.08
CA GLN A 356 -12.52 0.41 20.39
C GLN A 356 -11.93 1.49 19.50
N ALA A 357 -10.98 1.14 18.64
CA ALA A 357 -10.35 2.11 17.76
C ALA A 357 -11.32 2.55 16.67
N ALA A 358 -11.14 3.78 16.20
CA ALA A 358 -11.90 4.28 15.06
C ALA A 358 -11.34 3.66 13.80
N VAL A 359 -12.18 2.99 13.01
CA VAL A 359 -11.71 2.19 11.88
C VAL A 359 -11.99 2.91 10.57
N TYR A 360 -10.99 2.92 9.67
CA TYR A 360 -11.18 3.41 8.30
C TYR A 360 -10.79 2.33 7.32
N ALA A 361 -11.57 2.16 6.25
CA ALA A 361 -11.25 1.20 5.19
C ALA A 361 -11.12 1.98 3.88
N PRO A 362 -9.91 2.46 3.55
CA PRO A 362 -9.75 3.31 2.36
C PRO A 362 -10.03 2.60 1.04
N LYS A 363 -9.99 1.27 0.99
CA LYS A 363 -10.33 0.63 -0.28
C LYS A 363 -11.77 0.93 -0.69
N SER A 364 -12.59 1.41 0.25
CA SER A 364 -13.95 1.83 -0.08
C SER A 364 -13.96 2.92 -1.15
N ALA A 365 -12.90 3.73 -1.21
CA ALA A 365 -12.80 4.88 -2.10
C ALA A 365 -11.69 4.74 -3.13
N LEU A 366 -10.58 4.10 -2.76
CA LEU A 366 -9.39 3.98 -3.61
C LEU A 366 -9.25 2.62 -4.26
N GLY A 367 -10.07 1.64 -3.88
CA GLY A 367 -9.90 0.30 -4.43
C GLY A 367 -8.63 -0.37 -3.92
N HIS A 368 -8.36 -1.53 -4.51
CA HIS A 368 -7.27 -2.41 -4.09
C HIS A 368 -6.18 -2.33 -5.14
N SER A 369 -4.96 -1.97 -4.73
CA SER A 369 -3.81 -1.90 -5.63
C SER A 369 -2.76 -2.95 -5.27
N ILE A 370 -3.17 -4.05 -4.65
CA ILE A 370 -2.33 -5.23 -4.40
C ILE A 370 -1.00 -4.82 -3.79
N GLY A 371 0.11 -4.95 -4.55
CA GLY A 371 1.42 -4.73 -3.95
C GLY A 371 1.70 -3.30 -3.54
N ALA A 372 0.93 -2.34 -4.04
CA ALA A 372 1.11 -0.96 -3.60
C ALA A 372 0.24 -0.58 -2.43
N VAL A 373 -0.84 -1.32 -2.17
CA VAL A 373 -1.91 -0.74 -1.36
C VAL A 373 -1.49 -0.58 0.09
N GLY A 374 -0.66 -1.48 0.63
CA GLY A 374 -0.22 -1.31 2.01
C GLY A 374 0.60 -0.06 2.21
N ALA A 375 1.40 0.30 1.19
CA ALA A 375 2.17 1.53 1.25
C ALA A 375 1.27 2.76 1.15
N LEU A 376 0.31 2.73 0.22
CA LEU A 376 -0.67 3.81 0.11
C LEU A 376 -1.40 4.02 1.44
N GLU A 377 -1.89 2.93 2.04
CA GLU A 377 -2.64 3.07 3.27
C GLU A 377 -1.76 3.49 4.43
N SER A 378 -0.47 3.12 4.39
CA SER A 378 0.46 3.63 5.39
C SER A 378 0.60 5.14 5.26
N VAL A 379 0.69 5.66 4.04
CA VAL A 379 0.70 7.11 3.86
C VAL A 379 -0.57 7.74 4.42
N LEU A 380 -1.73 7.13 4.15
CA LEU A 380 -2.99 7.67 4.66
C LEU A 380 -3.01 7.67 6.18
N THR A 381 -2.44 6.64 6.80
CA THR A 381 -2.38 6.60 8.26
C THR A 381 -1.54 7.75 8.79
N VAL A 382 -0.41 8.02 8.13
CA VAL A 382 0.43 9.16 8.51
C VAL A 382 -0.37 10.45 8.43
N LEU A 383 -1.11 10.62 7.34
CA LEU A 383 -1.87 11.86 7.18
C LEU A 383 -3.01 11.95 8.19
N THR A 384 -3.63 10.83 8.55
CA THR A 384 -4.64 10.86 9.60
C THR A 384 -4.03 11.37 10.91
N LEU A 385 -2.84 10.90 11.25
CA LEU A 385 -2.21 11.34 12.49
C LEU A 385 -1.79 12.80 12.40
N ARG A 386 -1.22 13.20 11.24
CA ARG A 386 -0.79 14.58 11.07
C ARG A 386 -1.96 15.56 11.25
N ASP A 387 -3.10 15.25 10.64
CA ASP A 387 -4.21 16.19 10.56
C ASP A 387 -5.34 15.90 11.53
N GLY A 388 -5.24 14.83 12.32
CA GLY A 388 -6.26 14.56 13.32
C GLY A 388 -7.63 14.31 12.73
N VAL A 389 -7.68 13.60 11.61
CA VAL A 389 -8.95 13.40 10.91
C VAL A 389 -8.89 12.07 10.17
N ILE A 390 -10.03 11.38 10.13
CA ILE A 390 -10.17 10.11 9.41
C ILE A 390 -11.23 10.32 8.34
N PRO A 391 -10.95 10.00 7.09
CA PRO A 391 -11.96 10.16 6.04
C PRO A 391 -13.10 9.17 6.23
N PRO A 392 -14.26 9.45 5.62
CA PRO A 392 -15.39 8.51 5.75
C PRO A 392 -15.12 7.23 4.96
N THR A 393 -15.45 6.08 5.55
CA THR A 393 -15.50 4.85 4.78
C THR A 393 -16.71 4.92 3.86
N LEU A 394 -16.46 4.94 2.55
CA LEU A 394 -17.56 5.05 1.62
C LEU A 394 -18.43 3.81 1.66
N ASN A 395 -19.72 3.99 1.38
CA ASN A 395 -20.67 2.91 1.13
C ASN A 395 -21.01 2.10 2.36
N TYR A 396 -20.57 2.53 3.54
CA TYR A 396 -20.90 1.86 4.80
C TYR A 396 -22.28 2.37 5.21
N GLU A 397 -23.31 1.64 4.78
CA GLU A 397 -24.69 2.07 4.93
C GLU A 397 -25.54 1.14 5.76
N THR A 398 -25.38 -0.17 5.61
CA THR A 398 -26.07 -1.15 6.43
C THR A 398 -24.99 -2.03 7.04
N PRO A 399 -24.49 -1.69 8.23
CA PRO A 399 -23.38 -2.46 8.80
C PRO A 399 -23.74 -3.92 8.96
N ASP A 400 -22.84 -4.80 8.51
CA ASP A 400 -22.98 -6.23 8.65
C ASP A 400 -23.27 -6.56 10.11
N PRO A 401 -24.41 -7.20 10.41
CA PRO A 401 -24.76 -7.45 11.81
C PRO A 401 -23.74 -8.26 12.58
N GLU A 402 -22.95 -9.09 11.90
CA GLU A 402 -21.97 -9.93 12.57
C GLU A 402 -20.62 -9.25 12.78
N ILE A 403 -20.48 -8.00 12.35
CA ILE A 403 -19.26 -7.22 12.55
C ILE A 403 -19.63 -5.97 13.33
N ASP A 404 -18.92 -5.72 14.43
CA ASP A 404 -19.22 -4.60 15.32
C ASP A 404 -17.92 -3.83 15.53
N LEU A 405 -17.59 -2.99 14.57
CA LEU A 405 -16.45 -2.11 14.66
C LEU A 405 -16.91 -0.67 14.60
N ASP A 406 -16.07 0.25 15.07
CA ASP A 406 -16.40 1.67 15.05
C ASP A 406 -15.89 2.25 13.73
N VAL A 407 -16.64 1.97 12.67
CA VAL A 407 -16.26 2.39 11.33
C VAL A 407 -16.63 3.86 11.12
N VAL A 408 -15.63 4.68 10.78
CA VAL A 408 -15.88 6.08 10.46
C VAL A 408 -16.63 6.16 9.14
N ALA A 409 -17.70 6.94 9.11
CA ALA A 409 -18.55 6.96 7.92
C ALA A 409 -19.37 8.25 7.93
N GLY A 410 -19.94 8.56 6.78
CA GLY A 410 -20.78 9.75 6.64
C GLY A 410 -19.98 10.97 6.23
N GLU A 411 -19.13 11.44 7.12
CA GLU A 411 -18.21 12.54 6.86
C GLU A 411 -16.96 12.30 7.69
N PRO A 412 -15.88 13.02 7.41
CA PRO A 412 -14.64 12.78 8.16
C PRO A 412 -14.84 12.96 9.66
N ARG A 413 -14.14 12.15 10.45
CA ARG A 413 -14.19 12.29 11.90
C ARG A 413 -12.91 12.95 12.38
N TYR A 414 -13.03 14.20 12.84
CA TYR A 414 -11.94 14.85 13.53
C TYR A 414 -11.85 14.30 14.94
N GLY A 415 -10.65 13.86 15.33
CA GLY A 415 -10.45 13.33 16.66
C GLY A 415 -8.99 13.37 17.07
N ASP A 416 -8.78 13.08 18.36
CA ASP A 416 -7.46 13.13 18.98
C ASP A 416 -6.78 11.78 18.79
N TYR A 417 -6.25 11.55 17.58
CA TYR A 417 -5.60 10.28 17.25
C TYR A 417 -4.11 10.39 17.61
N ARG A 418 -3.70 9.66 18.66
CA ARG A 418 -2.32 9.64 19.11
C ARG A 418 -1.50 8.52 18.50
N TYR A 419 -2.09 7.33 18.38
CA TYR A 419 -1.41 6.18 17.79
C TYR A 419 -2.38 5.45 16.88
N ALA A 420 -1.84 4.80 15.85
CA ALA A 420 -2.66 4.11 14.87
C ALA A 420 -1.92 2.90 14.34
N VAL A 421 -2.69 1.89 13.93
CA VAL A 421 -2.13 0.69 13.30
C VAL A 421 -2.70 0.60 11.88
N ASN A 422 -1.82 0.44 10.89
CA ASN A 422 -2.25 0.09 9.54
C ASN A 422 -2.12 -1.41 9.32
N ASN A 423 -3.21 -2.06 8.90
CA ASN A 423 -3.28 -3.49 8.62
C ASN A 423 -3.16 -3.76 7.12
N SER A 424 -2.43 -4.82 6.78
CA SER A 424 -2.40 -5.39 5.42
C SER A 424 -2.31 -6.89 5.56
N PHE A 425 -3.31 -7.62 5.07
CA PHE A 425 -3.38 -9.07 5.18
C PHE A 425 -3.49 -9.67 3.79
N GLY A 426 -2.35 -10.11 3.23
CA GLY A 426 -2.27 -10.46 1.81
C GLY A 426 -2.58 -11.92 1.48
N PHE A 427 -3.03 -12.13 0.24
CA PHE A 427 -3.21 -13.48 -0.30
C PHE A 427 -1.95 -14.31 -0.07
N GLY A 428 -2.14 -15.52 0.43
CA GLY A 428 -1.03 -16.32 0.87
C GLY A 428 -0.92 -16.38 2.39
N GLY A 429 -1.64 -15.53 3.09
CA GLY A 429 -1.65 -15.56 4.54
C GLY A 429 -0.62 -14.68 5.20
N HIS A 430 -0.15 -13.63 4.51
CA HIS A 430 0.90 -12.77 5.00
C HIS A 430 0.29 -11.58 5.75
N ASN A 431 0.60 -11.45 7.03
CA ASN A 431 -0.01 -10.42 7.86
C ASN A 431 1.05 -9.40 8.25
N VAL A 432 0.82 -8.13 7.92
CA VAL A 432 1.73 -7.06 8.31
C VAL A 432 0.91 -5.97 9.01
N ALA A 433 1.37 -5.58 10.19
CA ALA A 433 0.77 -4.47 10.92
C ALA A 433 1.85 -3.44 11.18
N LEU A 434 1.56 -2.18 10.89
CA LEU A 434 2.50 -1.09 11.14
C LEU A 434 1.92 -0.16 12.18
N ALA A 435 2.69 0.11 13.24
CA ALA A 435 2.28 1.02 14.30
C ALA A 435 2.91 2.39 14.09
N PHE A 436 2.06 3.42 13.99
CA PHE A 436 2.49 4.80 13.79
C PHE A 436 2.05 5.67 14.94
N GLY A 437 2.76 6.77 15.16
CA GLY A 437 2.40 7.71 16.20
C GLY A 437 2.39 9.13 15.67
N ARG A 438 1.57 9.97 16.29
CA ARG A 438 1.58 11.39 15.97
C ARG A 438 2.92 11.98 16.36
N TYR A 439 3.45 12.85 15.52
CA TYR A 439 4.68 13.52 15.86
C TYR A 439 4.35 14.77 16.65
N1 6U5 B . 0.95 -5.41 -16.93
C4 6U5 B . 0.10 -6.11 -12.50
C5 6U5 B . 1.49 -6.12 -12.44
C6 6U5 B . 2.24 -5.93 -13.59
C7 6U5 B . 1.57 -5.73 -14.82
C8 6U5 B . 2.01 -5.52 -16.16
C10 6U5 B . 0.18 -5.74 -14.88
O1 6U5 B . -2.48 -8.00 -11.95
S 6U5 B . -2.18 -6.84 -11.10
O 6U5 B . -2.32 -7.28 -9.72
C3 6U5 B . -3.38 -5.53 -11.52
C2 6U5 B . -3.51 -4.54 -10.37
C1 6U5 B . -4.50 -3.44 -10.75
C 6U5 B . -4.68 -2.40 -9.64
N 6U5 B . -0.60 -6.30 -11.25
C11 6U5 B . -0.58 -5.93 -13.70
N2 6U5 B . -0.17 -5.54 -16.17
C9 6U5 B . -1.53 -5.49 -16.67
N1 6U5 C . 0.55 -10.48 -7.05
C4 6U5 C . -1.86 -11.25 -10.87
C5 6U5 C . -1.78 -12.58 -10.41
C6 6U5 C . -1.11 -12.88 -9.23
C7 6U5 C . -0.50 -11.84 -8.48
C8 6U5 C . 0.24 -11.75 -7.27
C10 6U5 C . -0.59 -10.55 -8.93
O1 6U5 C . -3.50 -11.46 -14.43
S 6U5 C . -2.43 -11.80 -13.51
O 6U5 C . -2.71 -13.21 -13.24
C3 6U5 C . -0.82 -11.57 -14.31
C2 6U5 C . -0.79 -10.28 -15.12
C1 6U5 C . 0.14 -10.40 -16.33
C 6U5 C . 0.61 -9.04 -16.85
N 6U5 C . -2.54 -10.87 -12.08
C11 6U5 C . -1.26 -10.24 -10.13
N2 6U5 C . 0.06 -9.75 -8.07
C9 6U5 C . 0.16 -8.32 -8.25
C1 GOL D . 4.66 15.36 0.88
O1 GOL D . 5.69 14.95 1.76
C2 GOL D . 3.50 16.09 1.56
O2 GOL D . 3.93 16.74 2.73
C3 GOL D . 2.97 17.13 0.58
O3 GOL D . 2.89 16.60 -0.73
NA NA E . -5.00 -0.48 5.89
C1 IPA F . -9.94 -14.53 -0.12
C2 IPA F . -10.65 -14.80 -1.45
C3 IPA F . -10.64 -16.30 -1.67
O2 IPA F . -11.97 -14.33 -1.34
C1 IPA G . -15.45 -14.08 0.41
C2 IPA G . -15.21 -14.99 -0.77
C3 IPA G . -16.48 -15.80 -0.99
O2 IPA G . -14.93 -14.19 -1.89
C1 IPA H . 17.86 2.53 -14.30
C2 IPA H . 17.18 2.90 -15.61
C3 IPA H . 16.51 1.67 -16.22
O2 IPA H . 16.23 3.91 -15.36
O16 TCE I . 23.89 8.66 -7.02
C14 TCE I . 22.94 9.39 -7.44
O15 TCE I . 22.53 9.27 -8.62
C5 TCE I . 22.32 10.43 -6.51
C2 TCE I . 21.26 11.28 -7.19
P TCE I . 20.32 12.41 -6.04
C3 TCE I . 20.43 11.86 -4.26
C6 TCE I . 21.74 12.27 -3.60
C8 TCE I . 22.04 11.48 -2.33
O10 TCE I . 22.35 10.25 -2.38
O9 TCE I . 21.98 12.09 -1.22
C1 TCE I . 18.53 12.45 -6.55
C4 TCE I . 18.25 13.53 -7.58
C11 TCE I . 17.38 12.96 -8.71
O12 TCE I . 16.17 12.64 -8.49
O13 TCE I . 17.89 12.82 -9.84
#